data_2MHI
#
_entry.id   2MHI
#
_entity_poly.entity_id   1
_entity_poly.type   'polyribonucleotide'
_entity_poly.pdbx_seq_one_letter_code
;GGAAACGCCGCGGUCAGCUCGGCUGCUGCGAAGAGUUCGUCUCUGUUGUUUCC
;
_entity_poly.pdbx_strand_id   A
#